data_4Q5Y
#
_entry.id   4Q5Y
#
_cell.length_a   71.247
_cell.length_b   125.441
_cell.length_c   151.747
_cell.angle_alpha   90.00
_cell.angle_beta   90.00
_cell.angle_gamma   90.00
#
_symmetry.space_group_name_H-M   'I 21 21 21'
#
loop_
_entity.id
_entity.type
_entity.pdbx_description
1 polymer 'Maternal protein tudor'
2 water water
#
_entity_poly.entity_id   1
_entity_poly.type   'polypeptide(L)'
_entity_poly.pdbx_seq_one_letter_code
;SEFNSECIISYGNSPKSFYVQMKHNSADLDLIVKTLQSLKKEKLKKLIDPTTNSNGVCYSQEDACYYRCSIKSVLDPSQG
FEVFLLDYGNTLVVPEVWQLPQEIEPIPSLALHCQLSKIPMDVSDEKLEEAFAALLEQHFGELYEITTQPNEDETKPLIA
ELRINYKDFVQELVSTVTGVQKPLEAELHNCVVVQFDGPMSFYVQMESDVPALEQMTDKLLDAEQDLPAFSDLKEGALCV
AQFPEDEVFYRAQIRKVLDDGKCEVHFIDFGNNAVTQQFRQLPEELAKPARYSRHCELDASTISKCDAALLQSFIDTRFS
ETFQVEILATKGTGTHVVRLFYQSKNISEKLQECQ
;
_entity_poly.pdbx_strand_id   A
#
# COMPACT_ATOMS: atom_id res chain seq x y z
N SER A 1 -14.33 -3.39 -1.61
CA SER A 1 -13.21 -3.07 -2.54
C SER A 1 -12.08 -2.32 -1.83
N GLU A 2 -10.95 -2.19 -2.52
CA GLU A 2 -9.80 -1.46 -1.98
C GLU A 2 -9.50 -0.34 -2.97
N PHE A 3 -9.12 0.83 -2.47
CA PHE A 3 -8.83 1.96 -3.35
C PHE A 3 -7.51 2.59 -2.94
N ASN A 4 -6.51 2.48 -3.81
CA ASN A 4 -5.19 3.03 -3.49
C ASN A 4 -4.69 2.58 -2.15
N SER A 5 -4.92 1.31 -1.84
CA SER A 5 -4.49 0.75 -0.56
C SER A 5 -3.09 0.15 -0.70
N GLU A 6 -2.31 0.18 0.37
CA GLU A 6 -0.95 -0.37 0.34
C GLU A 6 -0.94 -1.88 0.62
N CYS A 7 -0.20 -2.60 -0.22
CA CYS A 7 -0.16 -4.05 -0.12
C CYS A 7 1.11 -4.70 -0.63
N ILE A 8 1.08 -6.02 -0.65
CA ILE A 8 2.19 -6.83 -1.14
C ILE A 8 1.60 -8.06 -1.81
N ILE A 9 2.41 -8.67 -2.69
CA ILE A 9 1.99 -9.85 -3.41
C ILE A 9 2.47 -11.10 -2.71
N SER A 10 1.57 -11.78 -2.03
CA SER A 10 1.87 -12.99 -1.29
C SER A 10 2.17 -14.16 -2.19
N TYR A 11 1.38 -14.29 -3.23
CA TYR A 11 1.56 -15.40 -4.14
C TYR A 11 1.08 -15.02 -5.52
N GLY A 12 1.60 -15.70 -6.53
CA GLY A 12 1.16 -15.41 -7.89
C GLY A 12 2.13 -15.72 -9.01
N ASN A 13 1.68 -16.51 -9.98
CA ASN A 13 2.51 -16.88 -11.14
C ASN A 13 2.34 -15.89 -12.29
N SER A 14 1.09 -15.70 -12.73
CA SER A 14 0.80 -14.78 -13.82
C SER A 14 -0.04 -13.61 -13.35
N PRO A 15 -0.13 -12.55 -14.17
CA PRO A 15 -0.89 -11.34 -13.87
C PRO A 15 -2.37 -11.64 -14.01
N LYS A 16 -2.67 -12.81 -14.58
CA LYS A 16 -4.05 -13.23 -14.75
C LYS A 16 -4.59 -13.80 -13.42
N SER A 17 -3.69 -14.02 -12.46
CA SER A 17 -4.08 -14.56 -11.16
C SER A 17 -3.02 -14.42 -10.07
N PHE A 18 -3.29 -13.63 -9.03
CA PHE A 18 -2.32 -13.49 -7.96
C PHE A 18 -2.95 -13.08 -6.63
N TYR A 19 -2.14 -13.12 -5.57
CA TYR A 19 -2.63 -12.80 -4.25
C TYR A 19 -1.95 -11.64 -3.58
N VAL A 20 -2.76 -10.86 -2.89
CA VAL A 20 -2.30 -9.66 -2.23
C VAL A 20 -2.72 -9.63 -0.77
N GLN A 21 -1.90 -8.99 0.05
CA GLN A 21 -2.18 -8.83 1.48
C GLN A 21 -2.16 -7.33 1.73
N MET A 22 -3.13 -6.84 2.46
CA MET A 22 -3.23 -5.42 2.75
C MET A 22 -2.43 -5.07 4.00
N LYS A 23 -1.80 -3.90 3.98
CA LYS A 23 -1.04 -3.45 5.12
C LYS A 23 -2.07 -3.06 6.16
N HIS A 24 -3.27 -2.76 5.68
CA HIS A 24 -4.35 -2.35 6.57
C HIS A 24 -4.99 -3.54 7.28
N ASN A 25 -4.28 -4.66 7.26
CA ASN A 25 -4.71 -5.89 7.93
C ASN A 25 -3.49 -6.53 8.57
N SER A 26 -2.32 -5.95 8.34
CA SER A 26 -1.08 -6.47 8.89
C SER A 26 -1.29 -6.86 10.34
N ALA A 27 -2.15 -6.10 11.02
CA ALA A 27 -2.46 -6.33 12.43
C ALA A 27 -3.10 -7.70 12.70
N ASP A 28 -4.05 -8.08 11.86
CA ASP A 28 -4.73 -9.37 12.02
C ASP A 28 -3.85 -10.54 11.60
N LEU A 29 -3.09 -10.38 10.53
CA LEU A 29 -2.21 -11.45 10.07
C LEU A 29 -1.21 -11.72 11.17
N ASP A 30 -0.69 -10.66 11.76
CA ASP A 30 0.29 -10.76 12.85
C ASP A 30 -0.33 -11.63 13.93
N LEU A 31 -1.61 -11.42 14.19
CA LEU A 31 -2.35 -12.21 15.18
C LEU A 31 -2.41 -13.68 14.79
N ILE A 32 -2.92 -13.96 13.59
CA ILE A 32 -3.02 -15.34 13.11
C ILE A 32 -1.68 -16.05 13.32
N VAL A 33 -0.63 -15.55 12.68
CA VAL A 33 0.69 -16.15 12.82
C VAL A 33 1.05 -16.48 14.26
N LYS A 34 1.18 -15.46 15.09
CA LYS A 34 1.52 -15.65 16.51
C LYS A 34 0.52 -16.62 17.17
N THR A 35 -0.75 -16.21 17.22
CA THR A 35 -1.82 -17.01 17.81
C THR A 35 -2.03 -18.28 17.01
N LEU A 36 -0.96 -18.75 16.37
CA LEU A 36 -0.99 -19.96 15.56
C LEU A 36 0.19 -20.82 15.98
N GLN A 37 1.08 -20.23 16.77
CA GLN A 37 2.24 -20.95 17.26
C GLN A 37 1.88 -21.49 18.64
N SER A 38 0.58 -21.63 18.87
CA SER A 38 0.04 -22.14 20.13
C SER A 38 -0.10 -23.66 20.02
N LYS A 41 1.69 -29.06 19.53
CA LYS A 41 1.37 -30.28 18.81
C LYS A 41 0.29 -31.11 19.53
N GLU A 42 0.40 -31.20 20.85
CA GLU A 42 -0.55 -31.95 21.68
C GLU A 42 -2.00 -31.72 21.25
N LYS A 43 -2.43 -30.46 21.24
CA LYS A 43 -3.79 -30.12 20.85
C LYS A 43 -3.96 -30.46 19.36
N LEU A 44 -5.21 -30.55 18.91
CA LEU A 44 -5.49 -30.89 17.51
C LEU A 44 -6.97 -31.18 17.28
N LYS A 45 -7.24 -31.95 16.24
CA LYS A 45 -8.60 -32.33 15.87
C LYS A 45 -8.64 -32.93 14.46
N LYS A 46 -9.84 -33.08 13.93
CA LYS A 46 -10.06 -33.60 12.61
C LYS A 46 -11.34 -32.91 12.19
N LEU A 47 -11.32 -32.32 11.00
CA LEU A 47 -12.46 -31.58 10.51
C LEU A 47 -13.83 -32.24 10.55
N ILE A 48 -14.82 -31.39 10.31
CA ILE A 48 -16.24 -31.75 10.27
C ILE A 48 -16.44 -32.69 9.07
N ASP A 49 -15.97 -33.94 9.20
CA ASP A 49 -16.07 -34.87 8.10
C ASP A 49 -15.57 -34.07 6.90
N PRO A 50 -14.27 -33.70 6.91
CA PRO A 50 -13.63 -32.92 5.85
C PRO A 50 -14.38 -32.94 4.53
N THR A 51 -14.76 -31.76 4.06
CA THR A 51 -15.44 -31.62 2.78
C THR A 51 -14.90 -30.39 2.07
N THR A 52 -15.43 -30.12 0.88
CA THR A 52 -15.00 -28.96 0.12
C THR A 52 -15.36 -27.71 0.90
N ASN A 53 -14.50 -26.70 0.80
CA ASN A 53 -14.72 -25.43 1.47
C ASN A 53 -14.54 -25.47 2.99
N SER A 54 -14.36 -26.66 3.54
CA SER A 54 -14.14 -26.78 4.97
C SER A 54 -12.85 -26.03 5.27
N ASN A 55 -12.78 -25.34 6.40
CA ASN A 55 -11.58 -24.58 6.74
C ASN A 55 -10.97 -24.99 8.07
N GLY A 56 -9.78 -25.58 8.00
CA GLY A 56 -9.11 -26.00 9.22
C GLY A 56 -7.68 -25.49 9.22
N VAL A 57 -6.75 -26.29 9.71
CA VAL A 57 -5.35 -25.88 9.73
C VAL A 57 -4.55 -26.98 9.05
N CYS A 58 -3.29 -26.70 8.75
CA CYS A 58 -2.45 -27.69 8.11
C CYS A 58 -1.00 -27.33 8.34
N TYR A 59 -0.12 -28.30 8.23
CA TYR A 59 1.30 -28.07 8.47
C TYR A 59 2.08 -28.15 7.16
N SER A 60 3.07 -27.28 7.02
CA SER A 60 3.89 -27.27 5.82
C SER A 60 5.28 -27.80 6.14
N GLN A 61 5.65 -28.90 5.51
CA GLN A 61 6.97 -29.46 5.73
C GLN A 61 7.95 -28.38 5.30
N GLU A 62 7.77 -27.89 4.06
CA GLU A 62 8.61 -26.84 3.49
C GLU A 62 8.82 -25.64 4.41
N ASP A 63 7.73 -25.00 4.81
CA ASP A 63 7.79 -23.83 5.69
C ASP A 63 7.95 -24.20 7.16
N ALA A 64 7.78 -25.48 7.46
CA ALA A 64 7.91 -25.94 8.84
C ALA A 64 7.06 -25.05 9.74
N CYS A 65 5.75 -25.04 9.51
CA CYS A 65 4.85 -24.24 10.30
C CYS A 65 3.40 -24.52 9.95
N TYR A 66 2.47 -23.88 10.64
CA TYR A 66 1.04 -24.09 10.37
C TYR A 66 0.45 -22.92 9.55
N TYR A 67 -0.74 -23.14 9.01
CA TYR A 67 -1.43 -22.13 8.20
C TYR A 67 -2.92 -22.36 8.23
N ARG A 68 -3.69 -21.29 8.00
CA ARG A 68 -5.14 -21.43 7.96
C ARG A 68 -5.46 -22.06 6.61
N CYS A 69 -5.99 -23.27 6.67
CA CYS A 69 -6.32 -24.06 5.49
C CYS A 69 -7.74 -23.86 4.93
N SER A 70 -8.04 -24.63 3.89
CA SER A 70 -9.32 -24.63 3.20
C SER A 70 -9.22 -25.77 2.20
N ILE A 71 -10.08 -26.77 2.33
CA ILE A 71 -10.02 -27.91 1.43
C ILE A 71 -10.55 -27.57 0.05
N LYS A 72 -9.69 -27.76 -0.94
CA LYS A 72 -10.05 -27.49 -2.31
C LYS A 72 -10.50 -28.81 -2.92
N SER A 73 -9.83 -29.89 -2.53
CA SER A 73 -10.16 -31.23 -3.03
C SER A 73 -9.90 -32.27 -1.97
N VAL A 74 -10.86 -33.17 -1.78
CA VAL A 74 -10.72 -34.27 -0.83
C VAL A 74 -10.19 -35.41 -1.69
N LEU A 75 -8.96 -35.85 -1.41
CA LEU A 75 -8.35 -36.90 -2.21
C LEU A 75 -8.34 -38.28 -1.56
N ASP A 76 -7.92 -39.26 -2.35
CA ASP A 76 -7.81 -40.62 -1.85
C ASP A 76 -6.97 -40.51 -0.58
N PRO A 77 -7.35 -41.23 0.48
CA PRO A 77 -6.57 -41.15 1.73
C PRO A 77 -5.08 -41.36 1.58
N SER A 78 -4.67 -42.10 0.55
CA SER A 78 -3.25 -42.34 0.31
C SER A 78 -2.54 -41.01 0.51
N GLN A 79 -3.16 -39.95 0.01
CA GLN A 79 -2.62 -38.59 0.14
C GLN A 79 -3.74 -37.62 0.55
N GLY A 80 -3.52 -36.94 1.67
CA GLY A 80 -4.48 -36.02 2.24
C GLY A 80 -5.52 -35.28 1.41
N PHE A 81 -5.30 -33.97 1.30
CA PHE A 81 -6.19 -33.09 0.57
C PHE A 81 -5.42 -32.02 -0.18
N GLU A 82 -6.12 -31.37 -1.10
CA GLU A 82 -5.56 -30.28 -1.87
C GLU A 82 -6.14 -29.08 -1.13
N VAL A 83 -5.25 -28.31 -0.51
CA VAL A 83 -5.69 -27.16 0.26
C VAL A 83 -5.17 -25.82 -0.22
N PHE A 84 -5.95 -24.79 0.08
CA PHE A 84 -5.67 -23.42 -0.29
C PHE A 84 -5.31 -22.60 0.96
N LEU A 85 -4.07 -22.10 1.01
CA LEU A 85 -3.67 -21.31 2.16
C LEU A 85 -4.46 -20.02 2.12
N LEU A 86 -5.36 -19.84 3.09
CA LEU A 86 -6.21 -18.66 3.14
C LEU A 86 -5.55 -17.29 3.16
N ASP A 87 -4.52 -17.13 3.97
CA ASP A 87 -3.86 -15.84 4.08
C ASP A 87 -2.63 -15.71 3.22
N TYR A 88 -2.51 -16.55 2.20
CA TYR A 88 -1.34 -16.49 1.33
C TYR A 88 -1.71 -16.72 -0.13
N GLY A 89 -2.57 -17.71 -0.37
CA GLY A 89 -3.00 -18.01 -1.73
C GLY A 89 -2.32 -19.24 -2.28
N ASN A 90 -1.42 -19.81 -1.49
CA ASN A 90 -0.68 -21.00 -1.89
C ASN A 90 -1.58 -22.21 -1.95
N THR A 91 -1.09 -23.26 -2.60
CA THR A 91 -1.82 -24.51 -2.76
C THR A 91 -0.91 -25.71 -2.55
N LEU A 92 -1.13 -26.41 -1.45
CA LEU A 92 -0.34 -27.59 -1.08
C LEU A 92 -1.23 -28.82 -0.96
N VAL A 93 -0.59 -29.97 -0.82
CA VAL A 93 -1.32 -31.23 -0.63
C VAL A 93 -0.90 -31.73 0.73
N VAL A 94 -1.72 -31.44 1.73
CA VAL A 94 -1.44 -31.85 3.10
C VAL A 94 -2.09 -33.18 3.42
N PRO A 95 -1.36 -34.06 4.11
CA PRO A 95 -1.86 -35.37 4.49
C PRO A 95 -3.03 -35.29 5.47
N GLU A 96 -2.93 -34.38 6.43
CA GLU A 96 -3.99 -34.25 7.43
C GLU A 96 -4.33 -32.81 7.78
N VAL A 97 -5.59 -32.57 8.12
CA VAL A 97 -6.05 -31.24 8.52
C VAL A 97 -6.29 -31.26 10.02
N TRP A 98 -6.97 -30.23 10.52
CA TRP A 98 -7.28 -30.12 11.94
C TRP A 98 -8.51 -29.23 12.10
N GLN A 99 -8.62 -28.57 13.25
CA GLN A 99 -9.75 -27.67 13.50
C GLN A 99 -9.24 -26.25 13.55
N LEU A 100 -10.14 -25.29 13.44
CA LEU A 100 -9.75 -23.89 13.48
C LEU A 100 -9.90 -23.34 14.91
N PRO A 101 -8.79 -23.20 15.64
CA PRO A 101 -8.79 -22.68 17.01
C PRO A 101 -9.73 -21.49 17.17
N GLN A 102 -10.78 -21.66 17.97
CA GLN A 102 -11.82 -20.64 18.23
C GLN A 102 -11.30 -19.35 18.81
N GLU A 103 -10.35 -18.74 18.09
CA GLU A 103 -9.74 -17.44 18.41
C GLU A 103 -9.65 -16.85 17.00
N ILE A 104 -8.97 -17.62 16.15
CA ILE A 104 -8.73 -17.31 14.77
C ILE A 104 -9.97 -17.56 13.88
N GLU A 105 -10.75 -18.58 14.19
CA GLU A 105 -11.94 -18.95 13.41
C GLU A 105 -12.82 -17.82 12.84
N PRO A 106 -12.89 -16.66 13.52
CA PRO A 106 -13.72 -15.55 13.01
C PRO A 106 -13.11 -14.70 11.87
N ILE A 107 -11.79 -14.51 11.91
CA ILE A 107 -11.06 -13.71 10.90
C ILE A 107 -11.22 -14.29 9.50
N PRO A 108 -11.51 -13.43 8.51
CA PRO A 108 -11.67 -13.91 7.14
C PRO A 108 -10.31 -14.11 6.49
N SER A 109 -10.28 -14.80 5.35
CA SER A 109 -9.02 -15.05 4.66
C SER A 109 -8.42 -13.71 4.27
N LEU A 110 -7.16 -13.50 4.67
CA LEU A 110 -6.48 -12.25 4.40
C LEU A 110 -5.85 -12.08 3.03
N ALA A 111 -5.92 -13.11 2.19
CA ALA A 111 -5.35 -13.00 0.85
C ALA A 111 -6.43 -12.68 -0.17
N LEU A 112 -6.27 -11.56 -0.88
CA LEU A 112 -7.21 -11.17 -1.92
C LEU A 112 -6.72 -11.74 -3.23
N HIS A 113 -7.61 -12.43 -3.92
CA HIS A 113 -7.31 -13.05 -5.20
C HIS A 113 -7.57 -12.04 -6.31
N CYS A 114 -6.49 -11.56 -6.92
CA CYS A 114 -6.57 -10.56 -7.97
C CYS A 114 -6.09 -10.94 -9.34
N GLN A 115 -6.35 -10.02 -10.26
CA GLN A 115 -5.98 -10.14 -11.65
C GLN A 115 -5.78 -8.74 -12.23
N LEU A 116 -4.71 -8.54 -12.98
CA LEU A 116 -4.48 -7.23 -13.54
C LEU A 116 -5.62 -6.84 -14.43
N SER A 117 -5.97 -5.56 -14.39
CA SER A 117 -7.08 -5.03 -15.18
C SER A 117 -6.88 -5.11 -16.69
N LYS A 118 -5.62 -5.10 -17.12
CA LYS A 118 -5.31 -5.16 -18.53
C LYS A 118 -4.11 -6.07 -18.76
N ILE A 119 -4.29 -7.11 -19.55
CA ILE A 119 -3.18 -8.01 -19.83
C ILE A 119 -2.89 -7.96 -21.32
N PRO A 120 -1.59 -7.97 -21.67
CA PRO A 120 -1.07 -7.94 -23.03
C PRO A 120 -1.57 -9.02 -23.98
N MET A 121 -2.52 -8.65 -24.84
CA MET A 121 -3.08 -9.56 -25.84
C MET A 121 -1.95 -10.22 -26.62
N ASP A 122 -2.18 -11.45 -27.05
CA ASP A 122 -1.19 -12.16 -27.84
C ASP A 122 0.15 -12.45 -27.18
N VAL A 123 0.13 -12.89 -25.92
CA VAL A 123 1.37 -13.23 -25.26
C VAL A 123 1.26 -14.63 -24.66
N SER A 124 2.28 -15.44 -24.89
CA SER A 124 2.29 -16.78 -24.35
C SER A 124 2.43 -16.62 -22.84
N ASP A 125 1.75 -17.49 -22.08
CA ASP A 125 1.82 -17.42 -20.63
C ASP A 125 3.21 -17.75 -20.11
N GLU A 126 3.97 -18.52 -20.87
CA GLU A 126 5.34 -18.85 -20.48
C GLU A 126 6.05 -17.50 -20.41
N LYS A 127 5.72 -16.64 -21.36
CA LYS A 127 6.28 -15.29 -21.44
C LYS A 127 5.71 -14.41 -20.32
N LEU A 128 4.40 -14.19 -20.30
CA LEU A 128 3.77 -13.37 -19.26
C LEU A 128 4.28 -13.72 -17.88
N GLU A 129 4.11 -14.98 -17.50
CA GLU A 129 4.52 -15.45 -16.19
C GLU A 129 6.00 -15.23 -15.91
N GLU A 130 6.80 -15.27 -16.96
CA GLU A 130 8.24 -15.03 -16.80
C GLU A 130 8.49 -13.59 -16.40
N ALA A 131 7.87 -12.68 -17.14
CA ALA A 131 8.01 -11.25 -16.90
C ALA A 131 7.41 -10.94 -15.54
N PHE A 132 6.21 -11.44 -15.32
CA PHE A 132 5.55 -11.18 -14.05
C PHE A 132 6.53 -11.51 -12.95
N ALA A 133 6.91 -12.78 -12.92
CA ALA A 133 7.84 -13.31 -11.94
C ALA A 133 9.09 -12.43 -11.82
N ALA A 134 9.54 -11.94 -12.96
CA ALA A 134 10.70 -11.06 -13.02
C ALA A 134 10.48 -9.78 -12.21
N LEU A 135 9.41 -9.07 -12.53
CA LEU A 135 9.05 -7.82 -11.87
C LEU A 135 8.84 -7.93 -10.37
N LEU A 136 8.17 -8.99 -9.94
CA LEU A 136 7.91 -9.18 -8.51
C LEU A 136 9.24 -9.25 -7.81
N GLU A 137 10.17 -9.94 -8.45
CA GLU A 137 11.50 -10.09 -7.90
C GLU A 137 12.18 -8.73 -8.00
N GLN A 138 11.97 -8.06 -9.13
CA GLN A 138 12.54 -6.74 -9.37
C GLN A 138 12.15 -5.71 -8.30
N HIS A 139 11.30 -6.13 -7.37
CA HIS A 139 10.83 -5.24 -6.31
C HIS A 139 10.98 -5.87 -4.92
N PHE A 140 9.98 -6.66 -4.54
CA PHE A 140 9.96 -7.31 -3.24
C PHE A 140 9.78 -6.24 -2.18
N GLY A 141 10.34 -6.51 -1.00
CA GLY A 141 10.30 -5.62 0.17
C GLY A 141 9.45 -4.37 0.19
N GLU A 142 9.35 -3.69 -0.95
CA GLU A 142 8.55 -2.47 -1.08
C GLU A 142 7.06 -2.77 -1.05
N LEU A 143 6.28 -1.71 -0.90
CA LEU A 143 4.84 -1.81 -0.89
C LEU A 143 4.26 -1.43 -2.23
N TYR A 144 3.20 -2.15 -2.61
CA TYR A 144 2.50 -1.90 -3.84
C TYR A 144 1.27 -1.11 -3.44
N GLU A 145 0.61 -0.51 -4.41
CA GLU A 145 -0.60 0.22 -4.10
C GLU A 145 -1.64 -0.36 -5.04
N ILE A 146 -2.74 -0.83 -4.47
CA ILE A 146 -3.77 -1.47 -5.26
C ILE A 146 -5.16 -0.83 -5.14
N THR A 147 -5.92 -0.93 -6.23
CA THR A 147 -7.29 -0.44 -6.27
C THR A 147 -8.05 -1.55 -6.96
N THR A 148 -9.08 -2.04 -6.31
CA THR A 148 -9.86 -3.14 -6.85
C THR A 148 -11.32 -2.80 -7.10
N GLN A 149 -12.01 -3.77 -7.66
CA GLN A 149 -13.43 -3.69 -7.94
C GLN A 149 -13.85 -5.12 -8.17
N PRO A 150 -14.97 -5.53 -7.55
CA PRO A 150 -15.45 -6.91 -7.71
C PRO A 150 -15.59 -7.24 -9.18
N ASN A 151 -15.83 -8.51 -9.48
CA ASN A 151 -15.99 -8.94 -10.86
C ASN A 151 -17.34 -9.61 -11.11
N GLU A 152 -17.83 -9.49 -12.35
CA GLU A 152 -19.10 -10.08 -12.74
C GLU A 152 -19.19 -11.56 -12.33
N ASP A 153 -18.30 -12.39 -12.87
CA ASP A 153 -18.25 -13.81 -12.54
C ASP A 153 -17.63 -13.99 -11.15
N GLU A 154 -18.44 -14.45 -10.21
CA GLU A 154 -18.00 -14.66 -8.83
C GLU A 154 -16.94 -15.75 -8.70
N THR A 155 -16.76 -16.52 -9.78
CA THR A 155 -15.79 -17.61 -9.79
C THR A 155 -14.43 -17.11 -10.31
N LYS A 156 -14.35 -15.82 -10.62
CA LYS A 156 -13.12 -15.23 -11.13
C LYS A 156 -12.53 -14.26 -10.11
N PRO A 157 -11.23 -13.95 -10.24
CA PRO A 157 -10.53 -13.05 -9.31
C PRO A 157 -10.93 -11.59 -9.48
N LEU A 158 -10.69 -10.81 -8.43
CA LEU A 158 -10.98 -9.38 -8.44
C LEU A 158 -10.19 -8.67 -9.55
N ILE A 159 -10.79 -7.63 -10.11
CA ILE A 159 -10.12 -6.87 -11.16
C ILE A 159 -9.34 -5.77 -10.46
N ALA A 160 -8.01 -5.83 -10.58
CA ALA A 160 -7.14 -4.88 -9.92
C ALA A 160 -6.23 -4.02 -10.79
N GLU A 161 -5.87 -2.86 -10.24
CA GLU A 161 -4.94 -1.92 -10.86
C GLU A 161 -3.81 -1.76 -9.87
N LEU A 162 -2.62 -2.21 -10.23
CA LEU A 162 -1.46 -2.11 -9.36
C LEU A 162 -0.58 -0.92 -9.70
N ARG A 163 -0.03 -0.30 -8.68
CA ARG A 163 0.86 0.81 -8.93
C ARG A 163 2.07 0.65 -8.01
N ILE A 164 3.23 0.51 -8.61
CA ILE A 164 4.43 0.37 -7.81
C ILE A 164 5.38 1.54 -8.08
N ASN A 165 5.65 2.31 -7.03
CA ASN A 165 6.55 3.46 -7.16
C ASN A 165 6.04 4.45 -8.22
N TYR A 166 4.74 4.68 -8.20
CA TYR A 166 4.09 5.61 -9.12
C TYR A 166 4.12 5.25 -10.60
N LYS A 167 4.32 3.96 -10.88
CA LYS A 167 4.32 3.46 -12.25
C LYS A 167 3.25 2.40 -12.41
N ASP A 168 2.62 2.37 -13.57
CA ASP A 168 1.58 1.40 -13.83
C ASP A 168 2.22 0.05 -13.99
N PHE A 169 1.81 -0.93 -13.19
CA PHE A 169 2.39 -2.26 -13.28
C PHE A 169 2.34 -2.82 -14.69
N VAL A 170 1.19 -2.72 -15.37
CA VAL A 170 1.12 -3.26 -16.73
C VAL A 170 2.09 -2.59 -17.66
N GLN A 171 2.39 -1.33 -17.39
CA GLN A 171 3.35 -0.65 -18.24
C GLN A 171 4.69 -1.35 -18.09
N GLU A 172 5.14 -1.50 -16.84
CA GLU A 172 6.40 -2.18 -16.57
C GLU A 172 6.34 -3.59 -17.13
N LEU A 173 5.15 -4.18 -17.10
CA LEU A 173 4.99 -5.54 -17.64
C LEU A 173 5.27 -5.52 -19.14
N VAL A 174 4.47 -4.75 -19.87
CA VAL A 174 4.62 -4.63 -21.31
C VAL A 174 6.06 -4.35 -21.68
N SER A 175 6.72 -3.55 -20.85
CA SER A 175 8.11 -3.18 -21.08
C SER A 175 8.99 -4.40 -20.97
N THR A 176 8.87 -5.10 -19.85
CA THR A 176 9.65 -6.31 -19.58
C THR A 176 9.39 -7.43 -20.58
N VAL A 177 8.15 -7.54 -21.02
CA VAL A 177 7.75 -8.54 -21.99
C VAL A 177 8.21 -8.27 -23.43
N THR A 178 8.61 -7.04 -23.75
CA THR A 178 8.98 -6.72 -25.13
C THR A 178 10.39 -6.21 -25.34
N GLY A 179 11.23 -6.33 -24.32
CA GLY A 179 12.58 -5.85 -24.43
C GLY A 179 12.47 -4.36 -24.34
N VAL A 180 11.63 -3.82 -25.20
CA VAL A 180 11.45 -2.38 -25.31
C VAL A 180 11.78 -1.54 -24.09
N GLN A 181 12.71 -0.62 -24.28
CA GLN A 181 13.11 0.24 -23.19
C GLN A 181 11.89 1.09 -22.91
N LYS A 182 12.06 2.23 -22.24
CA LYS A 182 10.91 3.04 -21.90
C LYS A 182 11.10 4.55 -21.80
N PRO A 183 10.09 5.33 -22.20
CA PRO A 183 10.18 6.79 -22.12
C PRO A 183 10.72 7.28 -20.78
N LEU A 184 11.94 7.84 -20.81
CA LEU A 184 12.58 8.36 -19.62
C LEU A 184 11.61 9.32 -18.90
N GLU A 185 10.68 9.90 -19.66
CA GLU A 185 9.68 10.81 -19.11
C GLU A 185 8.86 10.08 -18.06
N ALA A 186 8.83 8.75 -18.17
CA ALA A 186 8.09 7.89 -17.26
C ALA A 186 8.69 7.92 -15.85
N GLU A 187 10.00 8.16 -15.80
CA GLU A 187 10.73 8.21 -14.54
C GLU A 187 10.45 9.50 -13.76
N LEU A 188 9.86 10.49 -14.45
CA LEU A 188 9.52 11.78 -13.84
C LEU A 188 8.03 11.83 -13.58
N HIS A 189 7.62 12.57 -12.55
CA HIS A 189 6.21 12.66 -12.19
C HIS A 189 5.80 14.03 -11.70
N ASN A 190 4.82 14.63 -12.37
CA ASN A 190 4.34 15.95 -11.97
C ASN A 190 3.84 16.01 -10.52
N CYS A 191 4.11 17.13 -9.85
CA CYS A 191 3.70 17.28 -8.47
C CYS A 191 3.90 18.71 -8.04
N VAL A 192 3.40 19.04 -6.85
CA VAL A 192 3.57 20.37 -6.27
C VAL A 192 4.20 20.15 -4.91
N VAL A 193 4.96 21.14 -4.45
CA VAL A 193 5.62 21.05 -3.17
C VAL A 193 4.76 21.73 -2.12
N VAL A 194 3.93 20.95 -1.44
CA VAL A 194 3.05 21.52 -0.44
C VAL A 194 3.72 21.98 0.85
N GLN A 195 4.96 21.60 1.08
CA GLN A 195 5.63 22.02 2.30
C GLN A 195 7.12 21.75 2.23
N PHE A 196 7.92 22.81 2.10
CA PHE A 196 9.36 22.66 2.02
C PHE A 196 10.04 23.23 3.25
N ASP A 197 10.90 22.44 3.87
CA ASP A 197 11.60 22.87 5.07
C ASP A 197 13.04 22.32 5.10
N GLY A 198 13.62 22.10 3.92
CA GLY A 198 14.97 21.58 3.85
C GLY A 198 15.11 20.44 2.85
N PRO A 199 16.27 20.33 2.21
CA PRO A 199 16.50 19.26 1.22
C PRO A 199 16.35 17.86 1.80
N MET A 200 16.48 17.73 3.12
CA MET A 200 16.36 16.42 3.76
C MET A 200 14.92 16.17 4.18
N SER A 201 14.05 17.15 3.93
CA SER A 201 12.66 16.99 4.30
C SER A 201 11.68 18.04 3.77
N PHE A 202 10.88 17.61 2.80
CA PHE A 202 9.83 18.44 2.22
C PHE A 202 8.70 17.52 1.82
N TYR A 203 7.59 18.10 1.41
CA TYR A 203 6.42 17.31 1.03
C TYR A 203 5.86 17.72 -0.31
N VAL A 204 5.32 16.75 -1.03
CA VAL A 204 4.73 17.02 -2.33
C VAL A 204 3.49 16.19 -2.52
N GLN A 205 2.60 16.65 -3.41
CA GLN A 205 1.40 15.90 -3.75
C GLN A 205 1.57 15.52 -5.22
N MET A 206 1.29 14.27 -5.56
CA MET A 206 1.42 13.86 -6.95
C MET A 206 0.18 14.29 -7.72
N GLU A 207 0.38 14.93 -8.87
CA GLU A 207 -0.75 15.37 -9.68
C GLU A 207 -1.65 14.17 -10.01
N SER A 208 -1.05 12.98 -10.09
CA SER A 208 -1.79 11.77 -10.39
C SER A 208 -2.73 11.36 -9.25
N ASP A 209 -2.44 11.84 -8.04
CA ASP A 209 -3.28 11.53 -6.90
C ASP A 209 -4.34 12.61 -6.60
N VAL A 210 -4.23 13.76 -7.26
CA VAL A 210 -5.16 14.87 -7.03
C VAL A 210 -6.63 14.47 -6.99
N PRO A 211 -7.11 13.71 -7.98
CA PRO A 211 -8.51 13.27 -8.00
C PRO A 211 -8.87 12.51 -6.72
N ALA A 212 -8.04 11.54 -6.34
CA ALA A 212 -8.26 10.75 -5.14
C ALA A 212 -8.35 11.65 -3.91
N LEU A 213 -7.39 12.56 -3.80
CA LEU A 213 -7.33 13.48 -2.69
C LEU A 213 -8.63 14.27 -2.57
N GLU A 214 -9.13 14.77 -3.70
CA GLU A 214 -10.36 15.54 -3.70
C GLU A 214 -11.48 14.67 -3.20
N GLN A 215 -11.59 13.46 -3.74
CA GLN A 215 -12.65 12.57 -3.32
C GLN A 215 -12.64 12.40 -1.81
N MET A 216 -11.46 12.13 -1.27
CA MET A 216 -11.26 11.94 0.17
C MET A 216 -11.74 13.19 0.89
N THR A 217 -11.39 14.33 0.33
CA THR A 217 -11.80 15.60 0.90
C THR A 217 -13.32 15.70 0.93
N ASP A 218 -13.99 15.11 -0.05
CA ASP A 218 -15.44 15.12 -0.09
C ASP A 218 -15.97 14.19 0.99
N LYS A 219 -15.81 12.89 0.75
CA LYS A 219 -16.28 11.90 1.70
C LYS A 219 -16.16 12.36 3.13
N LEU A 220 -15.05 13.01 3.47
CA LEU A 220 -14.89 13.50 4.83
C LEU A 220 -15.99 14.51 5.11
N LEU A 221 -15.93 15.64 4.42
CA LEU A 221 -16.91 16.72 4.56
C LEU A 221 -18.34 16.19 4.71
N ASP A 222 -18.72 15.28 3.81
CA ASP A 222 -20.06 14.68 3.83
C ASP A 222 -20.29 13.97 5.16
N ALA A 223 -19.50 12.94 5.42
CA ALA A 223 -19.60 12.14 6.64
C ALA A 223 -19.08 12.87 7.87
N GLU A 224 -18.49 14.05 7.64
CA GLU A 224 -17.92 14.86 8.70
C GLU A 224 -18.83 15.03 9.89
N GLN A 225 -19.97 15.67 9.64
CA GLN A 225 -20.97 15.95 10.64
C GLN A 225 -21.25 14.83 11.63
N ASP A 226 -21.38 13.61 11.11
CA ASP A 226 -21.71 12.45 11.94
C ASP A 226 -20.56 11.53 12.31
N LEU A 227 -19.39 12.09 12.56
CA LEU A 227 -18.26 11.27 12.94
C LEU A 227 -18.07 11.34 14.46
N PRO A 228 -18.02 10.18 15.13
CA PRO A 228 -17.84 10.09 16.58
C PRO A 228 -16.63 10.90 17.03
N ALA A 229 -16.47 11.10 18.34
CA ALA A 229 -15.33 11.85 18.83
C ALA A 229 -14.20 10.86 19.11
N PHE A 230 -12.97 11.30 18.91
CA PHE A 230 -11.81 10.45 19.14
C PHE A 230 -11.32 10.68 20.57
N SER A 231 -11.17 9.59 21.32
CA SER A 231 -10.73 9.67 22.71
C SER A 231 -9.30 9.24 22.99
N ASP A 232 -8.99 7.98 22.68
CA ASP A 232 -7.66 7.42 22.93
C ASP A 232 -6.51 8.11 22.20
N LEU A 233 -6.17 9.32 22.65
CA LEU A 233 -5.12 10.11 22.05
C LEU A 233 -3.71 9.55 22.30
N LYS A 234 -3.45 8.35 21.81
CA LYS A 234 -2.13 7.74 21.96
C LYS A 234 -1.20 8.43 20.96
N GLU A 235 0.03 7.93 20.82
CA GLU A 235 0.97 8.54 19.88
C GLU A 235 0.94 7.80 18.55
N GLY A 236 0.71 8.54 17.46
CA GLY A 236 0.67 7.93 16.15
C GLY A 236 -0.63 7.25 15.82
N ALA A 237 -1.69 7.63 16.53
CA ALA A 237 -3.00 7.06 16.30
C ALA A 237 -3.69 7.84 15.18
N LEU A 238 -4.30 7.12 14.24
CA LEU A 238 -4.98 7.75 13.11
C LEU A 238 -6.36 8.24 13.48
N CYS A 239 -6.85 9.21 12.71
CA CYS A 239 -8.17 9.78 12.97
C CYS A 239 -8.34 11.03 12.14
N VAL A 240 -9.52 11.61 12.23
CA VAL A 240 -9.81 12.85 11.53
C VAL A 240 -9.54 13.89 12.60
N ALA A 241 -9.11 15.07 12.20
CA ALA A 241 -8.84 16.09 13.20
C ALA A 241 -8.97 17.46 12.56
N GLN A 242 -9.63 18.38 13.27
CA GLN A 242 -9.79 19.70 12.72
C GLN A 242 -8.53 20.52 12.77
N PHE A 243 -8.36 21.35 11.76
CA PHE A 243 -7.21 22.21 11.62
C PHE A 243 -7.72 23.61 11.97
N PRO A 244 -7.06 24.29 12.93
CA PRO A 244 -7.47 25.65 13.32
C PRO A 244 -7.72 26.63 12.17
N GLU A 245 -6.66 27.18 11.58
CA GLU A 245 -6.79 28.15 10.47
C GLU A 245 -7.87 27.80 9.45
N ASP A 246 -8.16 26.51 9.32
CA ASP A 246 -9.14 26.03 8.35
C ASP A 246 -10.50 25.75 8.97
N GLU A 247 -10.46 25.10 10.13
CA GLU A 247 -11.67 24.71 10.85
C GLU A 247 -12.34 23.63 10.02
N VAL A 248 -11.52 22.74 9.46
CA VAL A 248 -11.99 21.65 8.63
C VAL A 248 -11.39 20.36 9.19
N PHE A 249 -12.00 19.23 8.85
CA PHE A 249 -11.49 17.96 9.33
C PHE A 249 -10.73 17.17 8.27
N TYR A 250 -9.49 16.82 8.59
CA TYR A 250 -8.64 16.06 7.69
C TYR A 250 -8.16 14.78 8.34
N ARG A 251 -7.68 13.87 7.52
CA ARG A 251 -7.14 12.63 8.04
C ARG A 251 -5.84 13.08 8.69
N ALA A 252 -5.62 12.65 9.94
CA ALA A 252 -4.42 13.04 10.64
C ALA A 252 -3.90 11.93 11.53
N GLN A 253 -2.70 12.16 12.03
CA GLN A 253 -2.03 11.24 12.92
C GLN A 253 -1.47 12.09 14.04
N ILE A 254 -1.64 11.62 15.27
CA ILE A 254 -1.15 12.35 16.44
C ILE A 254 0.37 12.25 16.52
N ARG A 255 1.02 13.40 16.53
CA ARG A 255 2.46 13.44 16.61
C ARG A 255 2.90 13.56 18.06
N LYS A 256 2.34 14.54 18.77
CA LYS A 256 2.69 14.72 20.17
C LYS A 256 1.46 15.03 21.03
N VAL A 257 1.17 14.13 21.98
CA VAL A 257 0.04 14.31 22.88
C VAL A 257 0.42 15.37 23.89
N LEU A 258 -0.33 16.47 23.89
CA LEU A 258 -0.07 17.54 24.84
C LEU A 258 -0.99 17.40 26.05
N ASP A 259 -0.92 18.36 26.99
CA ASP A 259 -1.72 18.36 28.20
C ASP A 259 -3.04 19.01 27.80
N ASP A 260 -4.20 18.45 28.17
CA ASP A 260 -5.52 19.05 27.85
C ASP A 260 -6.58 18.37 26.95
N GLY A 261 -6.17 17.73 25.85
CA GLY A 261 -7.14 17.14 24.92
C GLY A 261 -6.77 17.88 23.67
N LYS A 262 -5.53 18.33 23.76
CA LYS A 262 -4.81 19.06 22.75
C LYS A 262 -3.66 18.17 22.37
N CYS A 263 -3.37 18.13 21.07
CA CYS A 263 -2.29 17.33 20.53
C CYS A 263 -1.77 18.02 19.30
N GLU A 264 -0.61 17.57 18.88
CA GLU A 264 -0.02 18.10 17.68
C GLU A 264 -0.29 16.95 16.72
N VAL A 265 -0.89 17.28 15.59
CA VAL A 265 -1.21 16.27 14.59
C VAL A 265 -0.54 16.64 13.29
N HIS A 266 -0.31 15.62 12.47
CA HIS A 266 0.29 15.82 11.18
C HIS A 266 -0.75 15.41 10.14
N PHE A 267 -1.08 16.34 9.26
CA PHE A 267 -2.06 16.05 8.22
C PHE A 267 -1.37 15.24 7.14
N ILE A 268 -1.61 13.93 7.19
CA ILE A 268 -0.99 13.01 6.27
C ILE A 268 -1.41 13.17 4.80
N ASP A 269 -2.35 14.05 4.53
CA ASP A 269 -2.77 14.25 3.15
C ASP A 269 -2.25 15.57 2.61
N PHE A 270 -1.88 16.47 3.51
CA PHE A 270 -1.37 17.77 3.08
C PHE A 270 0.00 18.04 3.62
N GLY A 271 0.53 17.04 4.32
CA GLY A 271 1.88 17.11 4.87
C GLY A 271 2.26 18.31 5.71
N ASN A 272 1.39 18.72 6.64
CA ASN A 272 1.68 19.84 7.51
C ASN A 272 1.21 19.53 8.93
N ASN A 273 1.79 20.22 9.91
CA ASN A 273 1.42 20.00 11.31
C ASN A 273 0.70 21.20 11.91
N ALA A 274 0.02 20.95 13.01
CA ALA A 274 -0.73 21.97 13.73
C ALA A 274 -1.27 21.31 14.98
N VAL A 275 -1.71 22.13 15.94
CA VAL A 275 -2.27 21.58 17.16
C VAL A 275 -3.76 21.86 17.18
N THR A 276 -4.54 20.86 17.59
CA THR A 276 -5.99 21.01 17.62
C THR A 276 -6.63 20.38 18.84
N GLN A 277 -7.83 20.86 19.14
CA GLN A 277 -8.63 20.39 20.26
C GLN A 277 -9.60 19.32 19.77
N GLN A 278 -9.99 19.43 18.50
CA GLN A 278 -10.92 18.50 17.88
C GLN A 278 -10.30 17.21 17.41
N PHE A 279 -11.03 16.11 17.59
CA PHE A 279 -10.59 14.78 17.17
C PHE A 279 -11.83 13.94 16.96
N ARG A 280 -11.89 13.24 15.84
CA ARG A 280 -13.02 12.38 15.56
C ARG A 280 -12.53 11.11 14.88
N GLN A 281 -13.24 10.01 15.14
CA GLN A 281 -12.88 8.71 14.59
C GLN A 281 -12.84 8.66 13.07
N LEU A 282 -11.92 7.84 12.55
CA LEU A 282 -11.77 7.69 11.12
C LEU A 282 -12.29 6.34 10.68
N PRO A 283 -13.32 6.34 9.82
CA PRO A 283 -13.91 5.11 9.32
C PRO A 283 -12.85 4.23 8.64
N GLU A 284 -12.97 2.91 8.75
CA GLU A 284 -12.00 2.02 8.13
C GLU A 284 -11.91 2.27 6.64
N GLU A 285 -13.07 2.61 6.05
CA GLU A 285 -13.16 2.88 4.63
C GLU A 285 -12.19 3.97 4.22
N LEU A 286 -12.10 5.02 5.04
CA LEU A 286 -11.22 6.14 4.76
C LEU A 286 -9.82 6.00 5.36
N ALA A 287 -9.54 4.81 5.88
CA ALA A 287 -8.25 4.53 6.47
C ALA A 287 -7.42 3.62 5.55
N LYS A 288 -8.06 3.02 4.55
CA LYS A 288 -7.36 2.14 3.63
C LYS A 288 -6.41 2.87 2.69
N PRO A 289 -6.89 3.94 2.02
CA PRO A 289 -6.05 4.71 1.09
C PRO A 289 -4.77 5.22 1.72
N ALA A 290 -3.68 5.11 0.98
CA ALA A 290 -2.40 5.60 1.46
C ALA A 290 -2.48 7.11 1.59
N ARG A 291 -1.52 7.70 2.31
CA ARG A 291 -1.49 9.15 2.47
C ARG A 291 -1.46 9.78 1.08
N TYR A 292 -1.75 11.07 0.96
CA TYR A 292 -1.71 11.73 -0.34
C TYR A 292 -0.62 12.78 -0.43
N SER A 293 0.06 12.99 0.69
CA SER A 293 1.18 13.92 0.71
C SER A 293 2.34 12.95 0.81
N ARG A 294 3.42 13.26 0.12
CA ARG A 294 4.55 12.37 0.12
C ARG A 294 5.73 13.04 0.75
N HIS A 295 6.35 12.34 1.71
CA HIS A 295 7.54 12.88 2.36
C HIS A 295 8.77 12.57 1.53
N CYS A 296 9.59 13.59 1.29
CA CYS A 296 10.78 13.45 0.48
C CYS A 296 12.06 14.11 0.99
N GLU A 297 13.17 13.73 0.35
CA GLU A 297 14.51 14.25 0.61
C GLU A 297 15.30 14.03 -0.67
N LEU A 298 16.14 15.00 -1.01
CA LEU A 298 16.93 14.89 -2.22
C LEU A 298 18.07 13.91 -2.12
N ASP A 299 18.42 13.30 -3.25
CA ASP A 299 19.51 12.36 -3.29
C ASP A 299 20.75 13.18 -2.91
N ALA A 300 21.75 12.53 -2.36
CA ALA A 300 22.98 13.20 -1.92
C ALA A 300 23.69 14.02 -2.98
N SER A 301 23.79 13.51 -4.21
CA SER A 301 24.47 14.24 -5.27
C SER A 301 23.91 15.64 -5.46
N THR A 302 22.58 15.73 -5.43
CA THR A 302 21.90 16.99 -5.60
C THR A 302 22.16 17.89 -4.40
N ILE A 303 21.86 17.39 -3.21
CA ILE A 303 22.08 18.14 -1.97
C ILE A 303 23.46 18.73 -1.99
N SER A 304 24.39 17.98 -2.57
CA SER A 304 25.77 18.38 -2.69
C SER A 304 25.91 19.58 -3.63
N LYS A 305 25.63 19.35 -4.91
CA LYS A 305 25.75 20.37 -5.95
C LYS A 305 24.84 21.61 -5.78
N CYS A 306 24.08 21.66 -4.69
CA CYS A 306 23.18 22.79 -4.49
C CYS A 306 23.39 23.63 -3.24
N ASP A 307 23.11 24.92 -3.38
CA ASP A 307 23.22 25.86 -2.27
C ASP A 307 21.92 25.81 -1.49
N ALA A 308 21.96 25.21 -0.31
CA ALA A 308 20.77 25.09 0.51
C ALA A 308 19.99 26.40 0.49
N ALA A 309 20.73 27.50 0.35
CA ALA A 309 20.18 28.84 0.31
C ALA A 309 19.20 29.07 -0.83
N LEU A 310 19.72 29.16 -2.05
CA LEU A 310 18.88 29.39 -3.23
C LEU A 310 17.69 28.44 -3.26
N LEU A 311 17.96 27.16 -3.01
CA LEU A 311 16.95 26.13 -3.03
C LEU A 311 15.69 26.56 -2.31
N GLN A 312 15.82 26.92 -1.04
CA GLN A 312 14.66 27.34 -0.28
C GLN A 312 13.93 28.41 -1.08
N SER A 313 14.63 29.52 -1.33
CA SER A 313 14.07 30.63 -2.07
C SER A 313 13.31 30.24 -3.32
N PHE A 314 14.00 29.56 -4.23
CA PHE A 314 13.39 29.11 -5.48
C PHE A 314 12.04 28.44 -5.22
N ILE A 315 12.04 27.44 -4.35
CA ILE A 315 10.81 26.72 -4.02
C ILE A 315 9.75 27.65 -3.44
N ASP A 316 10.16 28.64 -2.65
CA ASP A 316 9.20 29.57 -2.04
C ASP A 316 8.47 30.33 -3.13
N THR A 317 9.25 30.94 -4.00
CA THR A 317 8.74 31.73 -5.11
C THR A 317 7.73 30.97 -5.99
N ARG A 318 7.91 29.67 -6.16
CA ARG A 318 6.99 28.85 -6.96
C ARG A 318 6.30 27.81 -6.10
N PHE A 319 5.72 28.21 -4.98
CA PHE A 319 5.08 27.25 -4.11
C PHE A 319 3.87 26.52 -4.69
N SER A 320 3.21 27.14 -5.66
CA SER A 320 2.03 26.55 -6.29
C SER A 320 2.28 26.01 -7.69
N GLU A 321 3.54 26.04 -8.11
CA GLU A 321 3.90 25.56 -9.43
C GLU A 321 4.15 24.06 -9.44
N THR A 322 4.12 23.46 -10.62
CA THR A 322 4.37 22.03 -10.69
C THR A 322 5.81 21.74 -11.01
N PHE A 323 6.33 20.77 -10.27
CA PHE A 323 7.68 20.29 -10.43
C PHE A 323 7.49 18.83 -10.76
N GLN A 324 8.59 18.13 -10.97
CA GLN A 324 8.53 16.70 -11.24
C GLN A 324 9.58 16.01 -10.38
N VAL A 325 9.27 14.79 -9.95
CA VAL A 325 10.21 14.05 -9.15
C VAL A 325 10.47 12.67 -9.73
N GLU A 326 11.73 12.27 -9.68
CA GLU A 326 12.16 10.96 -10.12
C GLU A 326 12.37 10.28 -8.78
N ILE A 327 11.87 9.07 -8.60
CA ILE A 327 12.01 8.37 -7.33
C ILE A 327 13.14 7.36 -7.41
N LEU A 328 14.16 7.56 -6.56
CA LEU A 328 15.32 6.68 -6.56
C LEU A 328 15.19 5.55 -5.56
N ALA A 329 14.47 5.81 -4.48
CA ALA A 329 14.26 4.80 -3.45
C ALA A 329 13.29 5.29 -2.40
N THR A 330 12.78 4.34 -1.62
CA THR A 330 11.85 4.64 -0.54
C THR A 330 12.51 4.11 0.74
N LYS A 331 12.71 4.99 1.71
CA LYS A 331 13.32 4.60 2.96
C LYS A 331 12.30 3.77 3.73
N GLY A 332 12.77 3.10 4.78
CA GLY A 332 11.88 2.28 5.58
C GLY A 332 10.72 3.09 6.12
N THR A 333 11.03 4.21 6.78
CA THR A 333 10.00 5.08 7.35
C THR A 333 8.81 5.31 6.39
N GLY A 334 9.12 5.55 5.11
CA GLY A 334 8.09 5.80 4.11
C GLY A 334 8.43 7.01 3.25
N THR A 335 9.54 7.66 3.55
CA THR A 335 9.95 8.82 2.79
C THR A 335 10.73 8.42 1.54
N HIS A 336 10.54 9.17 0.47
CA HIS A 336 11.21 8.89 -0.79
C HIS A 336 12.48 9.69 -0.98
N VAL A 337 13.49 9.05 -1.54
CA VAL A 337 14.73 9.72 -1.86
C VAL A 337 14.39 10.01 -3.31
N VAL A 338 14.46 11.28 -3.67
CA VAL A 338 14.08 11.66 -5.01
C VAL A 338 15.03 12.63 -5.63
N ARG A 339 14.86 12.81 -6.93
CA ARG A 339 15.63 13.76 -7.69
C ARG A 339 14.50 14.73 -8.11
N LEU A 340 14.72 16.03 -7.91
CA LEU A 340 13.73 17.04 -8.23
C LEU A 340 14.01 17.81 -9.52
N PHE A 341 12.96 18.09 -10.28
CA PHE A 341 13.11 18.82 -11.53
C PHE A 341 12.10 19.94 -11.69
N TYR A 342 12.51 20.95 -12.43
CA TYR A 342 11.65 22.07 -12.74
C TYR A 342 11.65 22.12 -14.26
N GLN A 343 10.46 22.08 -14.83
CA GLN A 343 10.25 22.10 -16.27
C GLN A 343 11.28 21.23 -16.95
N SER A 344 11.35 20.02 -16.42
CA SER A 344 12.22 18.93 -16.87
C SER A 344 13.71 19.14 -16.74
N LYS A 345 14.15 20.32 -16.32
CA LYS A 345 15.58 20.52 -16.12
C LYS A 345 15.79 20.20 -14.64
N ASN A 346 16.95 19.65 -14.32
CA ASN A 346 17.29 19.29 -12.95
C ASN A 346 17.36 20.57 -12.11
N ILE A 347 16.80 20.52 -10.92
CA ILE A 347 16.81 21.68 -10.03
C ILE A 347 18.20 22.27 -9.83
N SER A 348 19.21 21.41 -9.72
CA SER A 348 20.57 21.87 -9.51
C SER A 348 21.09 22.62 -10.71
N GLU A 349 20.52 22.36 -11.87
CA GLU A 349 20.93 23.05 -13.07
C GLU A 349 20.12 24.35 -13.14
N LYS A 350 18.82 24.23 -12.94
CA LYS A 350 17.97 25.40 -12.99
C LYS A 350 18.53 26.48 -12.07
N LEU A 351 18.97 26.08 -10.88
CA LEU A 351 19.50 27.02 -9.87
C LEU A 351 20.74 27.81 -10.30
N GLN A 352 21.61 27.17 -11.05
CA GLN A 352 22.81 27.86 -11.50
C GLN A 352 22.61 28.49 -12.87
N GLU A 353 22.16 29.75 -12.88
CA GLU A 353 21.94 30.50 -14.11
C GLU A 353 20.76 31.42 -13.96
N CYS A 354 20.59 31.97 -12.75
CA CYS A 354 19.51 32.88 -12.43
C CYS A 354 18.21 32.10 -12.26
N GLN A 355 18.14 31.34 -11.17
CA GLN A 355 16.97 30.54 -10.84
C GLN A 355 15.69 31.39 -10.74
#